data_2IOT
#
_entry.id   2IOT
#
_cell.length_a   50.7
_cell.length_b   57.7
_cell.length_c   74.3
_cell.angle_alpha   90
_cell.angle_beta   90
_cell.angle_gamma   90
#
_symmetry.space_group_name_H-M   'P 21 21 21'
#
loop_
_entity.id
_entity.type
_entity.pdbx_description
1 polymer Elastase-1
2 non-polymer 'SULFATE ION'
3 non-polymer N-(3-OXOPROPYL)GLYCINE
4 water water
#
_entity_poly.entity_id   1
_entity_poly.type   'polypeptide(L)'
_entity_poly.pdbx_seq_one_letter_code
;VVGGTEAQRNSWPSQISLQYRSGSSWAHTCGGTLIRQNWVMTAAHCVDRELTFRVVVGEHNLNQNDGTEQYVGVQKIVVH
PYWNTDDVAAGYDIALLRLAQSVTLNSYVQLGVLPRAGTILANNSPCYITGWGLTRTNGQLAQTLQQAYLPTVDYAICSS
SSYWGSTVKNSMVCAGGDGVRSGCQGDSGGPLHCLVNGQYAVHGVTSFVSRLGCNVTRKPTVFTRVSAYISWINNVIASN
;
_entity_poly.pdbx_strand_id   A
#
loop_
_chem_comp.id
_chem_comp.type
_chem_comp.name
_chem_comp.formula
CL5 non-polymer N-(3-OXOPROPYL)GLYCINE 'C5 H9 N O3'
SO4 non-polymer 'SULFATE ION' 'O4 S -2'
#
# COMPACT_ATOMS: atom_id res chain seq x y z
N VAL A 1 -6.97 0.80 -8.37
CA VAL A 1 -8.10 0.08 -7.73
C VAL A 1 -9.21 -0.15 -8.75
N VAL A 2 -9.56 -1.41 -8.95
CA VAL A 2 -10.65 -1.79 -9.87
C VAL A 2 -11.93 -1.86 -9.04
N GLY A 3 -13.01 -1.32 -9.59
CA GLY A 3 -14.30 -1.33 -8.91
C GLY A 3 -14.36 -0.41 -7.70
N GLY A 4 -13.55 0.64 -7.72
CA GLY A 4 -13.52 1.57 -6.62
C GLY A 4 -14.42 2.77 -6.81
N THR A 5 -14.53 3.57 -5.74
CA THR A 5 -15.31 4.80 -5.74
C THR A 5 -14.29 5.87 -5.35
N GLU A 6 -14.55 7.13 -5.71
CA GLU A 6 -13.65 8.21 -5.35
C GLU A 6 -13.75 8.47 -3.85
N ALA A 7 -12.60 8.41 -3.17
CA ALA A 7 -12.53 8.64 -1.74
C ALA A 7 -12.70 10.13 -1.46
N GLN A 8 -13.22 10.44 -0.27
CA GLN A 8 -13.39 11.83 0.16
C GLN A 8 -11.97 12.34 0.45
N ARG A 9 -11.75 13.62 0.17
CA ARG A 9 -10.47 14.31 0.32
C ARG A 9 -9.72 14.12 1.64
N ASN A 10 -10.47 13.97 2.73
CA ASN A 10 -9.91 13.82 4.08
C ASN A 10 -10.15 12.45 4.75
N SER A 11 -10.56 11.46 3.96
CA SER A 11 -10.83 10.12 4.49
C SER A 11 -9.61 9.30 4.85
N TRP A 12 -8.58 9.36 4.00
CA TRP A 12 -7.34 8.59 4.19
C TRP A 12 -6.10 9.51 4.12
N PRO A 13 -5.90 10.36 5.16
CA PRO A 13 -4.77 11.29 5.21
C PRO A 13 -3.34 10.72 5.30
N SER A 14 -3.24 9.40 5.53
CA SER A 14 -1.93 8.76 5.60
C SER A 14 -1.44 8.24 4.24
N GLN A 15 -2.35 8.20 3.27
CA GLN A 15 -2.03 7.73 1.92
C GLN A 15 -1.13 8.73 1.19
N ILE A 16 -0.04 8.22 0.63
CA ILE A 16 0.88 9.05 -0.15
C ILE A 16 1.05 8.48 -1.55
N SER A 17 1.57 9.33 -2.44
CA SER A 17 1.88 8.95 -3.82
C SER A 17 3.40 8.91 -3.96
N LEU A 18 3.93 7.74 -4.33
CA LEU A 18 5.36 7.58 -4.56
C LEU A 18 5.54 7.73 -6.06
N GLN A 19 6.30 8.75 -6.45
CA GLN A 19 6.51 9.09 -7.85
C GLN A 19 7.96 9.04 -8.28
N TYR A 20 8.19 8.83 -9.57
CA TYR A 20 9.55 8.80 -10.14
C TYR A 20 9.68 9.87 -11.21
N ARG A 21 10.90 10.35 -11.45
CA ARG A 21 11.14 11.37 -12.46
C ARG A 21 11.19 10.77 -13.86
N SER A 22 10.42 11.38 -14.76
CA SER A 22 10.32 10.97 -16.15
C SER A 22 10.34 12.23 -17.00
N GLY A 23 11.55 12.59 -17.45
CA GLY A 23 11.76 13.77 -18.28
C GLY A 23 11.63 15.06 -17.48
N SER A 24 10.71 15.92 -17.92
CA SER A 24 10.44 17.21 -17.28
C SER A 24 9.29 17.10 -16.25
N SER A 25 8.67 15.93 -16.20
CA SER A 25 7.55 15.67 -15.29
C SER A 25 7.82 14.51 -14.33
N TRP A 26 6.83 14.23 -13.50
CA TRP A 26 6.89 13.14 -12.51
C TRP A 26 5.70 12.21 -12.76
N ALA A 27 5.93 10.91 -12.56
CA ALA A 27 4.90 9.90 -12.76
C ALA A 27 4.69 9.01 -11.55
N HIS A 28 3.42 8.79 -11.20
CA HIS A 28 3.04 7.94 -10.08
C HIS A 28 3.40 6.48 -10.39
N THR A 29 3.99 5.81 -9.41
CA THR A 29 4.36 4.41 -9.58
C THR A 29 3.75 3.53 -8.49
N CYS A 30 3.66 4.08 -7.28
CA CYS A 30 3.15 3.33 -6.15
C CYS A 30 2.54 4.17 -5.05
N GLY A 31 1.86 3.49 -4.14
CA GLY A 31 1.29 4.16 -2.99
C GLY A 31 2.24 3.95 -1.82
N GLY A 32 1.82 4.45 -0.67
CA GLY A 32 2.60 4.31 0.55
C GLY A 32 1.78 4.84 1.70
N THR A 33 2.30 4.67 2.91
CA THR A 33 1.63 5.14 4.13
C THR A 33 2.62 5.96 4.94
N LEU A 34 2.22 7.18 5.29
CA LEU A 34 3.04 8.06 6.12
C LEU A 34 2.92 7.51 7.55
N ILE A 35 4.04 7.06 8.13
CA ILE A 35 4.04 6.50 9.48
C ILE A 35 4.67 7.41 10.54
N ARG A 36 5.55 8.30 10.09
CA ARG A 36 6.20 9.32 10.93
C ARG A 36 6.24 10.55 10.03
N GLN A 37 6.45 11.74 10.59
CA GLN A 37 6.52 12.97 9.80
C GLN A 37 7.64 12.94 8.75
N ASN A 38 8.64 12.09 8.99
CA ASN A 38 9.76 11.94 8.07
C ASN A 38 9.98 10.48 7.59
N TRP A 39 8.96 9.63 7.76
CA TRP A 39 9.06 8.22 7.32
C TRP A 39 7.81 7.73 6.61
N VAL A 40 8.03 7.03 5.49
CA VAL A 40 6.96 6.45 4.68
C VAL A 40 7.17 4.94 4.57
N MET A 41 6.08 4.19 4.74
CA MET A 41 6.09 2.73 4.62
C MET A 41 5.52 2.40 3.24
N THR A 42 6.28 1.65 2.45
CA THR A 42 5.86 1.23 1.12
C THR A 42 6.31 -0.21 0.86
N ALA A 43 6.11 -0.70 -0.37
CA ALA A 43 6.52 -2.05 -0.75
C ALA A 43 7.95 -2.00 -1.26
N ALA A 44 8.71 -3.05 -0.96
CA ALA A 44 10.09 -3.14 -1.39
C ALA A 44 10.25 -3.19 -2.91
N HIS A 45 9.30 -3.83 -3.61
CA HIS A 45 9.37 -3.92 -5.07
C HIS A 45 9.19 -2.59 -5.80
N CYS A 46 8.58 -1.64 -5.09
CA CYS A 46 8.32 -0.31 -5.60
C CYS A 46 9.60 0.49 -5.80
N VAL A 47 10.61 0.16 -4.99
CA VAL A 47 11.91 0.82 -5.04
C VAL A 47 13.04 -0.06 -5.57
N ASP A 48 12.68 -1.11 -6.33
CA ASP A 48 13.65 -2.03 -6.94
C ASP A 48 14.48 -1.37 -8.04
N ARG A 49 13.80 -0.52 -8.82
CA ARG A 49 14.44 0.21 -9.92
C ARG A 49 15.19 1.43 -9.39
N GLU A 50 16.36 1.70 -9.98
CA GLU A 50 17.26 2.80 -9.60
C GLU A 50 16.79 4.19 -10.07
N LEU A 51 15.51 4.48 -9.81
CA LEU A 51 14.90 5.74 -10.21
C LEU A 51 15.00 6.82 -9.12
N THR A 52 14.69 8.05 -9.51
CA THR A 52 14.70 9.19 -8.59
C THR A 52 13.27 9.29 -8.06
N PHE A 53 13.12 9.10 -6.75
CA PHE A 53 11.81 9.14 -6.13
C PHE A 53 11.48 10.38 -5.31
N ARG A 54 10.18 10.69 -5.27
CA ARG A 54 9.65 11.79 -4.46
C ARG A 54 8.34 11.28 -3.86
N VAL A 55 8.00 11.83 -2.70
CA VAL A 55 6.79 11.49 -1.98
C VAL A 55 5.86 12.71 -1.98
N VAL A 56 4.59 12.48 -2.28
CA VAL A 56 3.58 13.53 -2.27
C VAL A 56 2.54 13.18 -1.21
N VAL A 57 2.44 14.02 -0.18
CA VAL A 57 1.46 13.85 0.89
C VAL A 57 0.36 14.89 0.63
N GLY A 58 -0.86 14.62 1.12
CA GLY A 58 -1.98 15.54 0.92
C GLY A 58 -2.44 15.59 -0.53
N GLU A 59 -2.21 14.49 -1.24
CA GLU A 59 -2.53 14.34 -2.65
C GLU A 59 -3.90 13.67 -2.84
N HIS A 60 -4.69 14.22 -3.75
CA HIS A 60 -6.00 13.65 -4.08
C HIS A 60 -6.06 13.38 -5.59
N ASN A 61 -5.75 14.39 -6.40
CA ASN A 61 -5.77 14.28 -7.86
C ASN A 61 -4.33 14.38 -8.40
N LEU A 62 -3.90 13.36 -9.15
CA LEU A 62 -2.55 13.34 -9.73
C LEU A 62 -2.29 14.32 -10.88
N ASN A 63 -3.35 14.64 -11.62
CA ASN A 63 -3.27 15.52 -12.79
C ASN A 63 -3.63 16.99 -12.57
N GLN A 64 -4.22 17.30 -11.42
CA GLN A 64 -4.61 18.67 -11.09
C GLN A 64 -4.00 19.12 -9.76
N ASN A 65 -3.92 20.44 -9.56
CA ASN A 65 -3.39 21.02 -8.34
C ASN A 65 -4.56 21.10 -7.34
N ASP A 66 -4.46 20.31 -6.28
CA ASP A 66 -5.49 20.25 -5.23
C ASP A 66 -5.38 21.40 -4.24
N GLY A 67 -4.17 21.98 -4.14
CA GLY A 67 -3.90 23.08 -3.23
C GLY A 67 -3.76 22.61 -1.79
N THR A 68 -3.37 21.35 -1.62
CA THR A 68 -3.18 20.71 -0.31
C THR A 68 -1.91 19.85 -0.24
N GLU A 69 -1.25 19.68 -1.38
CA GLU A 69 -0.05 18.84 -1.51
C GLU A 69 1.27 19.41 -0.97
N GLN A 70 2.11 18.50 -0.49
CA GLN A 70 3.45 18.82 -0.01
C GLN A 70 4.34 17.81 -0.73
N TYR A 71 5.35 18.31 -1.44
CA TYR A 71 6.28 17.49 -2.20
C TYR A 71 7.61 17.40 -1.48
N VAL A 72 8.07 16.18 -1.20
CA VAL A 72 9.33 15.95 -0.48
C VAL A 72 10.15 14.83 -1.14
N GLY A 73 11.46 15.03 -1.19
CA GLY A 73 12.36 14.03 -1.76
C GLY A 73 12.64 12.90 -0.80
N VAL A 74 13.16 11.79 -1.32
CA VAL A 74 13.48 10.62 -0.52
C VAL A 74 14.99 10.65 -0.23
N GLN A 75 15.32 10.77 1.06
CA GLN A 75 16.71 10.85 1.53
C GLN A 75 17.40 9.49 1.67
N LYS A 76 16.70 8.50 2.20
CA LYS A 76 17.25 7.16 2.39
C LYS A 76 16.19 6.09 2.18
N ILE A 77 16.58 5.01 1.51
CA ILE A 77 15.68 3.88 1.24
C ILE A 77 16.20 2.67 2.02
N VAL A 78 15.38 2.18 2.95
CA VAL A 78 15.74 1.00 3.74
C VAL A 78 14.77 -0.12 3.41
N VAL A 79 15.23 -1.05 2.58
CA VAL A 79 14.46 -2.21 2.14
C VAL A 79 14.70 -3.34 3.16
N HIS A 80 13.72 -4.23 3.33
CA HIS A 80 13.89 -5.37 4.25
C HIS A 80 15.04 -6.23 3.72
N PRO A 81 16.05 -6.55 4.58
CA PRO A 81 17.21 -7.36 4.20
C PRO A 81 16.93 -8.72 3.58
N TYR A 82 15.76 -9.27 3.89
CA TYR A 82 15.37 -10.57 3.35
C TYR A 82 14.56 -10.50 2.07
N TRP A 83 14.37 -9.30 1.54
CA TRP A 83 13.64 -9.11 0.28
C TRP A 83 14.43 -9.64 -0.91
N ASN A 84 13.75 -10.40 -1.74
CA ASN A 84 14.31 -10.98 -2.95
C ASN A 84 13.42 -10.54 -4.10
N THR A 85 14.00 -9.78 -5.03
CA THR A 85 13.28 -9.27 -6.21
C THR A 85 12.80 -10.36 -7.17
N ASP A 86 13.47 -11.51 -7.12
CA ASP A 86 13.15 -12.68 -7.95
C ASP A 86 12.04 -13.54 -7.33
N ASP A 87 11.65 -13.20 -6.08
CA ASP A 87 10.65 -13.96 -5.35
C ASP A 87 9.72 -13.08 -4.49
N VAL A 88 8.63 -12.58 -5.09
CA VAL A 88 7.66 -11.75 -4.39
C VAL A 88 6.80 -12.61 -3.43
N ALA A 89 6.71 -13.89 -3.77
CA ALA A 89 5.95 -14.88 -3.00
C ALA A 89 6.61 -15.26 -1.66
N ALA A 90 7.92 -15.00 -1.52
CA ALA A 90 8.65 -15.30 -0.29
C ALA A 90 8.30 -14.31 0.81
N GLY A 91 7.73 -13.17 0.40
CA GLY A 91 7.34 -12.13 1.34
C GLY A 91 8.39 -11.05 1.47
N TYR A 92 8.38 -10.40 2.63
CA TYR A 92 9.30 -9.30 2.99
C TYR A 92 9.20 -8.10 2.04
N ASP A 93 8.02 -7.95 1.43
CA ASP A 93 7.77 -6.86 0.49
C ASP A 93 7.40 -5.60 1.27
N ILE A 94 8.41 -5.03 1.91
CA ILE A 94 8.26 -3.84 2.72
C ILE A 94 9.56 -3.03 2.71
N ALA A 95 9.40 -1.70 2.70
CA ALA A 95 10.52 -0.77 2.70
C ALA A 95 10.12 0.51 3.38
N LEU A 96 11.09 1.13 4.04
CA LEU A 96 10.88 2.39 4.73
C LEU A 96 11.68 3.47 4.03
N LEU A 97 11.02 4.60 3.78
CA LEU A 97 11.65 5.73 3.09
C LEU A 97 11.77 6.92 4.03
N ARG A 98 13.00 7.38 4.27
CA ARG A 98 13.22 8.55 5.11
C ARG A 98 13.11 9.75 4.19
N LEU A 99 12.22 10.67 4.56
CA LEU A 99 11.98 11.87 3.78
C LEU A 99 13.03 12.94 4.11
N ALA A 100 13.35 13.74 3.10
CA ALA A 100 14.35 14.82 3.21
C ALA A 100 13.95 15.91 4.20
N GLN A 101 12.65 16.20 4.24
CA GLN A 101 12.07 17.20 5.14
C GLN A 101 10.89 16.54 5.84
N SER A 102 10.60 17.00 7.06
CA SER A 102 9.46 16.49 7.82
C SER A 102 8.21 17.23 7.37
N VAL A 103 7.19 16.47 6.99
CA VAL A 103 5.93 17.03 6.51
C VAL A 103 5.06 17.61 7.63
N THR A 104 4.29 18.63 7.29
CA THR A 104 3.37 19.30 8.22
C THR A 104 2.05 18.55 8.27
N LEU A 105 1.56 18.31 9.48
CA LEU A 105 0.30 17.59 9.69
C LEU A 105 -0.93 18.50 9.71
N ASN A 106 -1.98 18.03 9.04
CA ASN A 106 -3.28 18.72 8.93
C ASN A 106 -4.36 17.68 8.60
N SER A 107 -5.53 18.10 8.16
CA SER A 107 -6.64 17.19 7.84
C SER A 107 -6.38 16.30 6.61
N TYR A 108 -5.38 16.66 5.80
CA TYR A 108 -5.01 15.92 4.59
C TYR A 108 -3.74 15.13 4.76
N VAL A 109 -2.99 15.42 5.82
CA VAL A 109 -1.71 14.76 6.12
C VAL A 109 -1.68 14.29 7.58
N GLN A 110 -1.82 12.98 7.80
CA GLN A 110 -1.77 12.42 9.16
C GLN A 110 -0.96 11.14 9.13
N LEU A 111 -0.53 10.69 10.30
CA LEU A 111 0.23 9.46 10.43
C LEU A 111 -0.71 8.27 10.43
N GLY A 112 -0.29 7.19 9.78
CA GLY A 112 -1.09 5.98 9.73
C GLY A 112 -0.96 5.21 11.02
N VAL A 113 -2.10 4.72 11.51
CA VAL A 113 -2.14 3.93 12.75
C VAL A 113 -1.73 2.52 12.38
N LEU A 114 -0.70 2.01 13.04
CA LEU A 114 -0.20 0.67 12.80
C LEU A 114 -0.80 -0.28 13.82
N PRO A 115 -1.11 -1.54 13.41
CA PRO A 115 -1.67 -2.50 14.36
C PRO A 115 -0.63 -2.99 15.35
N ARG A 116 -1.10 -3.59 16.45
CA ARG A 116 -0.22 -4.14 17.47
C ARG A 116 0.46 -5.38 16.88
N ALA A 117 1.70 -5.63 17.28
CA ALA A 117 2.48 -6.78 16.79
C ALA A 117 1.79 -8.12 16.94
N GLY A 118 1.76 -8.88 15.84
CA GLY A 118 1.15 -10.20 15.84
C GLY A 118 -0.34 -10.29 15.59
N THR A 119 -1.00 -9.14 15.40
CA THR A 119 -2.44 -9.10 15.15
C THR A 119 -2.84 -9.72 13.81
N ILE A 120 -3.69 -10.74 13.89
CA ILE A 120 -4.20 -11.42 12.70
C ILE A 120 -5.70 -11.20 12.75
N LEU A 121 -6.25 -10.73 11.64
CA LEU A 121 -7.67 -10.46 11.51
C LEU A 121 -8.45 -11.73 11.25
N ALA A 122 -9.65 -11.79 11.80
CA ALA A 122 -10.55 -12.93 11.62
C ALA A 122 -11.03 -12.88 10.17
N ASN A 123 -11.47 -14.02 9.63
CA ASN A 123 -11.96 -14.10 8.25
C ASN A 123 -13.11 -13.13 8.00
N ASN A 124 -13.09 -12.51 6.82
CA ASN A 124 -14.11 -11.54 6.38
C ASN A 124 -14.13 -10.24 7.20
N SER A 125 -12.95 -9.81 7.69
CA SER A 125 -12.83 -8.58 8.47
C SER A 125 -12.96 -7.36 7.56
N PRO A 126 -13.69 -6.31 7.99
CA PRO A 126 -13.87 -5.10 7.18
C PRO A 126 -12.62 -4.27 6.88
N CYS A 127 -12.33 -4.15 5.59
CA CYS A 127 -11.17 -3.42 5.11
C CYS A 127 -11.43 -2.63 3.85
N TYR A 128 -10.59 -1.61 3.64
CA TYR A 128 -10.64 -0.77 2.46
C TYR A 128 -9.25 -0.59 1.87
N ILE A 129 -9.12 -0.82 0.57
CA ILE A 129 -7.85 -0.60 -0.11
C ILE A 129 -7.99 0.79 -0.73
N THR A 130 -6.90 1.55 -0.74
CA THR A 130 -6.90 2.87 -1.36
C THR A 130 -5.71 3.02 -2.28
N GLY A 131 -5.87 3.84 -3.32
CA GLY A 131 -4.79 4.07 -4.26
C GLY A 131 -5.20 4.68 -5.58
N TRP A 132 -4.18 5.07 -6.36
CA TRP A 132 -4.34 5.66 -7.68
C TRP A 132 -4.01 4.64 -8.77
N GLY A 133 -3.96 3.36 -8.41
CA GLY A 133 -3.66 2.30 -9.37
C GLY A 133 -4.68 2.13 -10.48
N LEU A 134 -4.37 1.24 -11.44
CA LEU A 134 -5.26 1.01 -12.58
C LEU A 134 -6.71 0.71 -12.20
N THR A 135 -7.64 1.34 -12.92
CA THR A 135 -9.07 1.17 -12.66
C THR A 135 -9.67 -0.07 -13.31
N ARG A 136 -8.88 -0.68 -14.21
CA ARG A 136 -9.25 -1.92 -14.88
C ARG A 136 -7.95 -2.65 -15.20
N THR A 137 -8.03 -3.96 -15.36
CA THR A 137 -6.88 -4.81 -15.72
C THR A 137 -6.39 -4.27 -17.07
N ASN A 138 -5.09 -3.97 -17.13
CA ASN A 138 -4.41 -3.40 -18.30
C ASN A 138 -4.99 -2.03 -18.70
N GLY A 139 -5.54 -1.35 -17.70
CA GLY A 139 -6.12 -0.03 -17.89
C GLY A 139 -5.14 1.08 -17.57
N GLN A 140 -5.65 2.20 -17.08
CA GLN A 140 -4.83 3.35 -16.73
C GLN A 140 -5.04 3.75 -15.28
N LEU A 141 -4.09 4.52 -14.76
CA LEU A 141 -4.15 5.02 -13.39
C LEU A 141 -5.36 5.92 -13.18
N ALA A 142 -5.84 5.95 -11.94
CA ALA A 142 -6.97 6.80 -11.59
C ALA A 142 -6.44 8.20 -11.40
N GLN A 143 -7.25 9.19 -11.75
CA GLN A 143 -6.88 10.59 -11.58
C GLN A 143 -7.02 10.96 -10.12
N THR A 144 -8.13 10.51 -9.51
CA THR A 144 -8.45 10.78 -8.11
C THR A 144 -8.29 9.53 -7.24
N LEU A 145 -7.97 9.74 -5.95
CA LEU A 145 -7.79 8.63 -5.00
C LEU A 145 -9.05 7.76 -4.90
N GLN A 146 -8.88 6.47 -5.19
CA GLN A 146 -9.97 5.52 -5.15
C GLN A 146 -9.93 4.63 -3.91
N GLN A 147 -11.11 4.14 -3.52
CA GLN A 147 -11.25 3.24 -2.39
C GLN A 147 -12.19 2.11 -2.77
N ALA A 148 -11.97 0.93 -2.19
CA ALA A 148 -12.83 -0.23 -2.43
C ALA A 148 -12.84 -1.12 -1.22
N TYR A 149 -14.05 -1.59 -0.89
CA TYR A 149 -14.26 -2.49 0.23
C TYR A 149 -13.72 -3.87 -0.16
N LEU A 150 -12.71 -4.32 0.58
CA LEU A 150 -12.08 -5.61 0.36
C LEU A 150 -12.00 -6.36 1.69
N PRO A 151 -12.97 -7.25 1.97
CA PRO A 151 -12.95 -8.01 3.23
C PRO A 151 -11.81 -9.03 3.22
N THR A 152 -11.23 -9.30 4.39
CA THR A 152 -10.12 -10.25 4.48
C THR A 152 -10.49 -11.69 4.20
N VAL A 153 -9.51 -12.42 3.67
CA VAL A 153 -9.64 -13.84 3.38
C VAL A 153 -8.48 -14.40 4.20
N ASP A 154 -8.79 -15.15 5.26
CA ASP A 154 -7.76 -15.70 6.15
C ASP A 154 -6.78 -16.65 5.48
N TYR A 155 -5.68 -16.94 6.18
CA TYR A 155 -4.62 -17.82 5.67
C TYR A 155 -5.11 -19.19 5.18
N ALA A 156 -5.95 -19.85 5.97
CA ALA A 156 -6.49 -21.19 5.62
C ALA A 156 -7.22 -21.25 4.28
N ILE A 157 -8.06 -20.25 4.01
CA ILE A 157 -8.83 -20.17 2.78
C ILE A 157 -7.98 -19.62 1.62
N CYS A 158 -7.13 -18.63 1.91
CA CYS A 158 -6.28 -18.04 0.88
C CYS A 158 -5.14 -18.93 0.39
N SER A 159 -4.64 -19.80 1.27
CA SER A 159 -3.55 -20.70 0.92
C SER A 159 -4.06 -22.04 0.40
N SER A 160 -5.37 -22.14 0.17
CA SER A 160 -5.99 -23.36 -0.35
C SER A 160 -5.79 -23.44 -1.87
N SER A 161 -5.99 -24.64 -2.43
CA SER A 161 -5.81 -24.93 -3.86
C SER A 161 -6.48 -24.01 -4.89
N SER A 162 -7.77 -23.75 -4.73
CA SER A 162 -8.54 -22.91 -5.65
C SER A 162 -8.22 -21.41 -5.55
N TYR A 163 -7.54 -21.03 -4.47
CA TYR A 163 -7.15 -19.65 -4.25
C TYR A 163 -5.69 -19.42 -4.67
N TRP A 164 -4.83 -19.02 -3.73
CA TRP A 164 -3.41 -18.77 -4.04
C TRP A 164 -2.44 -19.92 -3.83
N GLY A 165 -2.83 -20.92 -3.03
CA GLY A 165 -1.95 -22.04 -2.77
C GLY A 165 -0.74 -21.68 -1.91
N SER A 166 0.41 -22.28 -2.22
CA SER A 166 1.67 -22.04 -1.49
C SER A 166 2.28 -20.65 -1.70
N THR A 167 1.73 -19.89 -2.66
CA THR A 167 2.20 -18.54 -3.00
C THR A 167 2.02 -17.57 -1.83
N VAL A 168 0.91 -17.70 -1.11
CA VAL A 168 0.62 -16.85 0.05
C VAL A 168 1.22 -17.45 1.32
N LYS A 169 1.87 -16.57 2.09
CA LYS A 169 2.52 -16.92 3.34
C LYS A 169 1.73 -16.30 4.49
N ASN A 170 2.03 -16.74 5.71
CA ASN A 170 1.36 -16.23 6.92
C ASN A 170 1.81 -14.78 7.24
N SER A 171 2.86 -14.33 6.55
CA SER A 171 3.40 -12.98 6.71
C SER A 171 2.65 -12.02 5.79
N MET A 172 1.57 -12.52 5.18
CA MET A 172 0.73 -11.77 4.25
C MET A 172 -0.74 -11.73 4.64
N VAL A 173 -1.44 -10.69 4.19
CA VAL A 173 -2.88 -10.55 4.40
C VAL A 173 -3.49 -10.57 3.00
N CYS A 174 -4.59 -11.29 2.86
CA CYS A 174 -5.30 -11.35 1.60
C CYS A 174 -6.63 -10.69 1.81
N ALA A 175 -7.07 -9.94 0.80
CA ALA A 175 -8.36 -9.25 0.89
C ALA A 175 -9.03 -9.13 -0.47
N GLY A 176 -10.34 -9.35 -0.47
CA GLY A 176 -11.15 -9.26 -1.67
C GLY A 176 -11.40 -10.59 -2.37
N GLY A 177 -11.27 -10.57 -3.69
CA GLY A 177 -11.49 -11.75 -4.51
C GLY A 177 -12.90 -11.96 -5.00
N ASP A 178 -13.72 -10.89 -4.98
CA ASP A 178 -15.11 -10.99 -5.43
C ASP A 178 -15.29 -10.91 -6.96
N GLY A 179 -14.19 -10.60 -7.66
CA GLY A 179 -14.20 -10.50 -9.11
C GLY A 179 -14.53 -9.14 -9.69
N VAL A 180 -14.93 -8.21 -8.83
CA VAL A 180 -15.30 -6.84 -9.23
C VAL A 180 -14.31 -5.83 -8.65
N ARG A 181 -14.02 -5.97 -7.36
CA ARG A 181 -13.12 -5.08 -6.63
C ARG A 181 -11.76 -5.68 -6.32
N SER A 182 -10.71 -4.85 -6.45
CA SER A 182 -9.34 -5.30 -6.17
C SER A 182 -8.32 -4.18 -6.30
N GLY A 183 -7.09 -4.52 -5.94
CA GLY A 183 -5.98 -3.61 -6.12
C GLY A 183 -5.51 -3.87 -7.54
N CYS A 184 -4.66 -3.00 -8.07
CA CYS A 184 -4.15 -3.15 -9.42
C CYS A 184 -2.79 -2.48 -9.49
N GLN A 185 -2.14 -2.53 -10.65
CA GLN A 185 -0.81 -1.92 -10.81
C GLN A 185 -0.84 -0.43 -10.48
N GLY A 186 0.04 -0.02 -9.58
CA GLY A 186 0.10 1.36 -9.16
C GLY A 186 -0.45 1.53 -7.75
N ASP A 187 -1.14 0.50 -7.25
CA ASP A 187 -1.68 0.51 -5.89
C ASP A 187 -0.65 -0.04 -4.93
N SER A 188 0.33 -0.82 -5.46
CA SER A 188 1.42 -1.44 -4.72
C SER A 188 2.12 -0.47 -3.78
N GLY A 189 2.40 -0.94 -2.57
CA GLY A 189 3.04 -0.12 -1.58
C GLY A 189 2.05 0.63 -0.71
N GLY A 190 0.82 0.74 -1.22
CA GLY A 190 -0.25 1.43 -0.54
C GLY A 190 -0.85 0.68 0.63
N PRO A 191 -1.75 1.33 1.38
CA PRO A 191 -2.40 0.73 2.54
C PRO A 191 -3.67 -0.10 2.32
N LEU A 192 -3.90 -0.97 3.30
CA LEU A 192 -5.12 -1.77 3.39
C LEU A 192 -5.54 -1.31 4.79
N HIS A 193 -6.58 -0.50 4.84
CA HIS A 193 -7.10 0.04 6.10
C HIS A 193 -8.17 -0.89 6.65
N CYS A 194 -7.95 -1.40 7.85
CA CYS A 194 -8.90 -2.32 8.48
C CYS A 194 -9.45 -1.81 9.79
N LEU A 195 -10.76 -1.96 9.96
CA LEU A 195 -11.49 -1.51 11.15
C LEU A 195 -11.37 -2.49 12.31
N VAL A 196 -10.65 -2.07 13.35
CA VAL A 196 -10.44 -2.87 14.56
C VAL A 196 -10.82 -2.00 15.74
N ASN A 197 -11.83 -2.46 16.50
CA ASN A 197 -12.38 -1.78 17.69
C ASN A 197 -12.71 -0.30 17.47
N GLY A 198 -13.36 -0.05 16.33
CA GLY A 198 -13.79 1.29 15.94
C GLY A 198 -12.78 2.21 15.27
N GLN A 199 -11.52 1.78 15.18
CA GLN A 199 -10.46 2.59 14.59
C GLN A 199 -9.86 1.89 13.37
N TYR A 200 -9.58 2.65 12.33
CA TYR A 200 -8.95 2.13 11.11
C TYR A 200 -7.44 2.10 11.31
N ALA A 201 -6.85 0.95 11.00
CA ALA A 201 -5.41 0.77 11.12
C ALA A 201 -4.89 0.16 9.81
N VAL A 202 -3.65 0.50 9.47
CA VAL A 202 -3.02 -0.01 8.24
C VAL A 202 -2.44 -1.41 8.48
N HIS A 203 -3.24 -2.42 8.15
CA HIS A 203 -2.87 -3.82 8.32
C HIS A 203 -2.10 -4.41 7.17
N GLY A 204 -2.13 -3.75 6.02
CA GLY A 204 -1.42 -4.27 4.87
C GLY A 204 -0.75 -3.25 3.96
N VAL A 205 0.31 -3.71 3.30
CA VAL A 205 1.06 -2.93 2.33
C VAL A 205 0.84 -3.73 1.03
N THR A 206 0.15 -3.12 0.05
CA THR A 206 -0.17 -3.80 -1.21
C THR A 206 1.04 -4.37 -1.91
N SER A 207 1.02 -5.69 -2.12
CA SER A 207 2.15 -6.39 -2.69
C SER A 207 1.96 -6.94 -4.10
N PHE A 208 0.95 -7.79 -4.29
CA PHE A 208 0.69 -8.38 -5.61
C PHE A 208 -0.73 -8.82 -5.89
N VAL A 209 -1.01 -8.98 -7.18
CA VAL A 209 -2.29 -9.46 -7.70
C VAL A 209 -1.94 -10.55 -8.71
N SER A 210 -2.97 -11.19 -9.26
CA SER A 210 -2.79 -12.26 -10.26
C SER A 210 -2.27 -11.78 -11.60
N ARG A 211 -1.46 -12.61 -12.24
CA ARG A 211 -0.89 -12.29 -13.56
C ARG A 211 -1.96 -12.36 -14.66
N LEU A 212 -3.05 -13.08 -14.36
CA LEU A 212 -4.17 -13.22 -15.28
C LEU A 212 -5.07 -11.99 -15.24
N GLY A 213 -4.96 -11.23 -14.14
CA GLY A 213 -5.75 -10.02 -13.98
C GLY A 213 -5.81 -9.54 -12.55
N CYS A 214 -6.31 -8.32 -12.38
CA CYS A 214 -6.43 -7.72 -11.06
C CYS A 214 -7.67 -8.22 -10.32
N ASN A 215 -8.84 -8.04 -10.93
CA ASN A 215 -10.11 -8.47 -10.36
C ASN A 215 -10.52 -9.86 -10.83
N VAL A 216 -9.84 -10.86 -10.27
CA VAL A 216 -10.10 -12.25 -10.60
C VAL A 216 -10.69 -12.94 -9.38
N THR A 217 -11.79 -13.67 -9.60
CA THR A 217 -12.49 -14.40 -8.54
C THR A 217 -11.55 -15.47 -7.99
N ARG A 218 -11.49 -15.53 -6.66
CA ARG A 218 -10.65 -16.44 -5.90
C ARG A 218 -9.15 -16.15 -5.96
N LYS A 219 -8.82 -14.92 -6.39
CA LYS A 219 -7.44 -14.43 -6.43
C LYS A 219 -7.44 -13.05 -5.75
N PRO A 220 -7.65 -13.01 -4.41
CA PRO A 220 -7.68 -11.74 -3.69
C PRO A 220 -6.36 -10.99 -3.77
N THR A 221 -6.43 -9.68 -3.56
CA THR A 221 -5.24 -8.85 -3.57
C THR A 221 -4.41 -9.27 -2.35
N VAL A 222 -3.11 -9.43 -2.55
CA VAL A 222 -2.22 -9.85 -1.47
C VAL A 222 -1.38 -8.68 -0.98
N PHE A 223 -1.34 -8.57 0.35
CA PHE A 223 -0.64 -7.50 1.04
C PHE A 223 0.38 -8.05 2.03
N THR A 224 1.43 -7.28 2.28
CA THR A 224 2.43 -7.65 3.29
C THR A 224 1.74 -7.34 4.63
N ARG A 225 1.77 -8.28 5.57
CA ARG A 225 1.13 -8.09 6.87
C ARG A 225 1.99 -7.18 7.74
N VAL A 226 1.52 -5.96 7.95
CA VAL A 226 2.22 -4.95 8.75
C VAL A 226 2.53 -5.39 10.17
N SER A 227 1.59 -6.13 10.79
CA SER A 227 1.75 -6.60 12.17
C SER A 227 2.89 -7.59 12.40
N ALA A 228 3.42 -8.14 11.31
CA ALA A 228 4.55 -9.07 11.36
C ALA A 228 5.88 -8.32 11.33
N TYR A 229 5.81 -7.02 11.00
CA TYR A 229 6.99 -6.17 10.86
C TYR A 229 7.14 -4.99 11.81
N ILE A 230 6.36 -4.96 12.90
CA ILE A 230 6.41 -3.85 13.86
C ILE A 230 7.80 -3.66 14.49
N SER A 231 8.44 -4.77 14.87
CA SER A 231 9.78 -4.74 15.46
C SER A 231 10.80 -4.23 14.46
N TRP A 232 10.66 -4.67 13.20
CA TRP A 232 11.53 -4.25 12.11
C TRP A 232 11.40 -2.75 11.84
N ILE A 233 10.15 -2.27 11.76
CA ILE A 233 9.83 -0.85 11.51
C ILE A 233 10.43 0.04 12.60
N ASN A 234 10.23 -0.35 13.86
CA ASN A 234 10.75 0.40 15.02
C ASN A 234 12.28 0.41 15.06
N ASN A 235 12.90 -0.71 14.68
CA ASN A 235 14.36 -0.84 14.65
C ASN A 235 15.02 0.05 13.60
N VAL A 236 14.35 0.20 12.44
CA VAL A 236 14.85 1.04 11.35
C VAL A 236 14.77 2.53 11.73
N ILE A 237 13.63 2.93 12.28
CA ILE A 237 13.39 4.32 12.71
C ILE A 237 14.34 4.75 13.83
N ALA A 238 14.64 3.81 14.74
CA ALA A 238 15.53 4.05 15.87
C ALA A 238 17.01 4.14 15.52
N SER A 239 17.43 3.41 14.49
CA SER A 239 18.83 3.40 14.05
C SER A 239 19.19 4.47 13.02
N ASN A 240 18.19 4.97 12.31
CA ASN A 240 18.40 6.01 11.29
C ASN A 240 17.74 7.33 11.71
S SO4 B . 3.82 -12.55 13.89
O1 SO4 B . 3.16 -11.28 13.54
O2 SO4 B . 5.18 -12.25 14.38
O3 SO4 B . 3.05 -13.23 14.94
O4 SO4 B . 3.90 -13.41 12.71
C7 CL5 C . 2.11 -3.96 -7.30
C6 CL5 C . 1.77 -3.18 -8.55
O8 CL5 C . 2.56 -5.10 -7.38
C5 CL5 C . 2.96 -3.03 -9.46
N4 CL5 C . 4.16 -2.36 -8.97
C3 CL5 C . 5.20 -2.05 -9.94
C12 CL5 C . 6.13 -1.01 -9.38
O13 CL5 C . 5.78 0.19 -9.43
O14 CL5 C . 7.22 -1.38 -8.90
#